data_5POA
#
_entry.id   5POA
#
_cell.length_a   55.270
_cell.length_b   56.190
_cell.length_c   101.970
_cell.angle_alpha   90.000
_cell.angle_beta   90.000
_cell.angle_gamma   90.000
#
_symmetry.space_group_name_H-M   'P 21 21 21'
#
loop_
_entity.id
_entity.type
_entity.pdbx_description
1 polymer 'Bromodomain-containing protein 1'
2 non-polymer 1,2-ETHANEDIOL
3 non-polymer 'SODIUM ION'
4 non-polymer 2-[5-(1H-pyrrol-1-yl)-1H-pyrazol-4-yl]pyridine
5 water water
#
_entity_poly.entity_id   1
_entity_poly.type   'polypeptide(L)'
_entity_poly.pdbx_seq_one_letter_code
;MHHHHHHSSGVDLGTENLYFQSMEQVAMELRLTELTRLLRSVLDQLQDKDPARIFAQPVSLKEVPDYLDHIKHPMDFATM
RKRLEAQGYKNLHEFEEDFDLIIDNCMKYNARDTVFYRAAVRLRDQGGVVLRQARREVDSIGLEEASGMHLPERPA
;
_entity_poly.pdbx_strand_id   A,B
#
loop_
_chem_comp.id
_chem_comp.type
_chem_comp.name
_chem_comp.formula
8TA non-polymer 2-[5-(1H-pyrrol-1-yl)-1H-pyrazol-4-yl]pyridine 'C12 H10 N4'
EDO non-polymer 1,2-ETHANEDIOL 'C2 H6 O2'
NA non-polymer 'SODIUM ION' 'Na 1'
#
# COMPACT_ATOMS: atom_id res chain seq x y z
N SER A 22 10.98 22.33 27.33
CA SER A 22 10.23 21.75 28.43
C SER A 22 10.73 20.35 28.74
N MET A 23 10.46 19.88 29.95
CA MET A 23 10.88 18.55 30.35
CA MET A 23 10.86 18.54 30.36
C MET A 23 10.08 17.49 29.58
N GLU A 24 8.81 17.77 29.33
CA GLU A 24 7.97 16.84 28.59
C GLU A 24 8.52 16.61 27.18
N GLN A 25 8.98 17.67 26.53
CA GLN A 25 9.55 17.56 25.19
C GLN A 25 10.80 16.67 25.20
N VAL A 26 11.66 16.87 26.20
CA VAL A 26 12.84 16.01 26.39
C VAL A 26 12.50 14.54 26.58
N ALA A 27 11.46 14.27 27.38
CA ALA A 27 11.04 12.89 27.63
C ALA A 27 10.54 12.24 26.35
N MET A 28 9.77 12.99 25.56
CA MET A 28 9.31 12.51 24.27
C MET A 28 10.48 12.25 23.34
N GLU A 29 11.49 13.10 23.40
CA GLU A 29 12.67 12.93 22.56
C GLU A 29 13.48 11.70 22.97
N LEU A 30 13.48 11.39 24.27
CA LEU A 30 14.17 10.20 24.74
C LEU A 30 13.46 8.93 24.25
N ARG A 31 12.13 8.98 24.22
CA ARG A 31 11.33 7.86 23.74
C ARG A 31 11.62 7.61 22.25
N LEU A 32 11.69 8.68 21.48
CA LEU A 32 12.02 8.58 20.06
C LEU A 32 13.42 8.00 19.86
N THR A 33 14.36 8.42 20.69
CA THR A 33 15.73 7.91 20.61
C THR A 33 15.76 6.43 20.95
N GLU A 34 14.97 6.04 21.94
CA GLU A 34 14.87 4.63 22.31
C GLU A 34 14.25 3.81 21.17
N LEU A 35 13.20 4.33 20.56
CA LEU A 35 12.54 3.65 19.45
C LEU A 35 13.54 3.45 18.30
N THR A 36 14.31 4.50 18.04
CA THR A 36 15.30 4.47 16.97
C THR A 36 16.37 3.39 17.22
N ARG A 37 16.79 3.24 18.47
CA ARG A 37 17.71 2.17 18.83
C ARG A 37 17.13 0.78 18.55
N LEU A 38 15.88 0.56 18.92
CA LEU A 38 15.23 -0.73 18.68
C LEU A 38 15.06 -0.98 17.17
N LEU A 39 14.65 0.05 16.43
CA LEU A 39 14.43 -0.08 15.00
C LEU A 39 15.75 -0.33 14.25
N ARG A 40 16.84 0.22 14.77
CA ARG A 40 18.14 -0.05 14.16
C ARG A 40 18.48 -1.53 14.28
N SER A 41 18.20 -2.11 15.45
CA SER A 41 18.38 -3.54 15.64
C SER A 41 17.48 -4.34 14.70
N VAL A 42 16.21 -3.94 14.62
CA VAL A 42 15.27 -4.58 13.71
C VAL A 42 15.78 -4.50 12.26
N LEU A 43 16.24 -3.32 11.86
CA LEU A 43 16.68 -3.12 10.49
C LEU A 43 17.89 -4.01 10.17
N ASP A 44 18.80 -4.16 11.14
CA ASP A 44 19.95 -5.01 10.92
C ASP A 44 19.54 -6.47 10.74
N GLN A 45 18.57 -6.91 11.53
CA GLN A 45 18.10 -8.29 11.45
C GLN A 45 17.37 -8.54 10.12
N LEU A 46 16.58 -7.57 9.69
CA LEU A 46 15.87 -7.71 8.41
C LEU A 46 16.84 -7.77 7.24
N GLN A 47 17.86 -6.92 7.27
CA GLN A 47 18.79 -6.84 6.16
C GLN A 47 19.66 -8.11 6.10
N ASP A 48 19.81 -8.79 7.23
CA ASP A 48 20.53 -10.07 7.23
C ASP A 48 19.80 -11.14 6.44
N LYS A 49 18.51 -10.95 6.24
CA LYS A 49 17.68 -11.89 5.48
C LYS A 49 17.73 -11.60 3.98
N ASP A 50 18.61 -10.67 3.61
CA ASP A 50 18.88 -10.32 2.20
C ASP A 50 20.37 -10.51 1.95
N PRO A 51 20.83 -11.77 2.00
CA PRO A 51 22.28 -11.97 1.93
C PRO A 51 22.85 -11.61 0.55
N ALA A 52 22.01 -11.60 -0.48
CA ALA A 52 22.46 -11.22 -1.82
C ALA A 52 22.57 -9.71 -2.02
N ARG A 53 22.11 -8.94 -1.03
CA ARG A 53 22.10 -7.47 -1.07
C ARG A 53 21.32 -6.91 -2.27
N ILE A 54 20.27 -7.62 -2.65
CA ILE A 54 19.40 -7.19 -3.73
C ILE A 54 18.65 -5.90 -3.38
N PHE A 55 18.38 -5.72 -2.09
CA PHE A 55 17.59 -4.57 -1.62
C PHE A 55 18.40 -3.52 -0.87
N ALA A 56 19.73 -3.63 -0.95
CA ALA A 56 20.63 -2.79 -0.19
C ALA A 56 20.62 -1.32 -0.64
N GLN A 57 20.42 -1.08 -1.93
CA GLN A 57 20.55 0.26 -2.51
C GLN A 57 19.34 0.61 -3.38
N PRO A 58 19.11 1.92 -3.63
CA PRO A 58 18.00 2.24 -4.54
C PRO A 58 18.24 1.71 -5.95
N VAL A 59 17.16 1.32 -6.60
CA VAL A 59 17.22 0.96 -8.01
C VAL A 59 17.77 2.16 -8.79
N SER A 60 18.80 1.92 -9.59
CA SER A 60 19.46 2.97 -10.35
C SER A 60 18.66 3.40 -11.58
N LEU A 61 18.37 4.69 -11.68
CA LEU A 61 17.59 5.20 -12.80
C LEU A 61 18.44 5.27 -14.06
N LYS A 62 19.75 5.15 -13.91
CA LYS A 62 20.63 5.03 -15.06
C LYS A 62 20.52 3.65 -15.67
N GLU A 63 20.40 2.63 -14.83
CA GLU A 63 20.35 1.25 -15.29
C GLU A 63 18.92 0.74 -15.55
N VAL A 64 17.94 1.36 -14.90
CA VAL A 64 16.53 1.07 -15.16
C VAL A 64 15.80 2.38 -15.39
N PRO A 65 15.97 2.97 -16.59
CA PRO A 65 15.49 4.33 -16.80
C PRO A 65 13.97 4.49 -16.68
N ASP A 66 13.19 3.43 -16.89
CA ASP A 66 11.74 3.55 -16.85
C ASP A 66 11.15 3.22 -15.49
N TYR A 67 12.00 3.07 -14.48
CA TYR A 67 11.52 2.53 -13.20
C TYR A 67 10.39 3.34 -12.58
N LEU A 68 10.49 4.66 -12.64
CA LEU A 68 9.51 5.52 -11.97
C LEU A 68 8.17 5.53 -12.72
N ASP A 69 8.18 5.06 -13.97
CA ASP A 69 6.91 4.86 -14.69
C ASP A 69 6.14 3.71 -14.06
N HIS A 70 6.85 2.79 -13.42
CA HIS A 70 6.25 1.58 -12.86
C HIS A 70 5.98 1.73 -11.37
N ILE A 71 6.99 2.21 -10.67
CA ILE A 71 7.00 2.24 -9.22
C ILE A 71 6.98 3.69 -8.75
N LYS A 72 5.94 4.06 -8.02
CA LYS A 72 5.76 5.46 -7.65
C LYS A 72 6.48 5.86 -6.37
N HIS A 73 6.73 4.89 -5.49
CA HIS A 73 7.46 5.15 -4.26
C HIS A 73 8.56 4.11 -4.02
N PRO A 74 9.70 4.29 -4.70
CA PRO A 74 10.86 3.40 -4.53
C PRO A 74 11.32 3.36 -3.08
N MET A 75 11.88 2.24 -2.65
CA MET A 75 12.43 2.14 -1.31
C MET A 75 13.55 1.09 -1.32
N ASP A 76 14.44 1.19 -0.35
CA ASP A 76 15.58 0.27 -0.21
C ASP A 76 16.16 0.41 1.19
N PHE A 77 17.06 -0.49 1.57
CA PHE A 77 17.59 -0.48 2.94
C PHE A 77 18.46 0.75 3.24
N ALA A 78 19.24 1.21 2.26
CA ALA A 78 20.08 2.38 2.49
C ALA A 78 19.23 3.62 2.78
N THR A 79 18.15 3.78 2.02
CA THR A 79 17.24 4.90 2.20
C THR A 79 16.52 4.82 3.55
N MET A 80 16.10 3.64 3.98
CA MET A 80 15.50 3.46 5.31
C MET A 80 16.51 3.84 6.39
N ARG A 81 17.76 3.44 6.19
CA ARG A 81 18.80 3.68 7.19
C ARG A 81 19.04 5.17 7.36
N LYS A 82 18.98 5.91 6.26
CA LYS A 82 19.12 7.37 6.32
C LYS A 82 17.99 8.02 7.12
N ARG A 83 16.76 7.59 6.86
CA ARG A 83 15.62 8.12 7.59
C ARG A 83 15.69 7.74 9.06
N LEU A 84 16.15 6.52 9.34
CA LEU A 84 16.28 6.04 10.71
C LEU A 84 17.27 6.86 11.53
N GLU A 85 18.44 7.12 10.96
CA GLU A 85 19.48 7.83 11.69
C GLU A 85 19.12 9.31 11.89
N ALA A 86 18.16 9.81 11.14
CA ALA A 86 17.62 11.14 11.37
C ALA A 86 16.41 11.08 12.30
N GLN A 87 16.23 9.93 12.96
CA GLN A 87 15.08 9.68 13.81
C GLN A 87 13.76 10.01 13.13
N GLY A 88 13.64 9.61 11.86
CA GLY A 88 12.48 9.94 11.07
C GLY A 88 11.33 8.94 11.12
N TYR A 89 11.47 7.87 11.89
CA TYR A 89 10.35 6.95 12.11
C TYR A 89 9.74 7.19 13.49
N LYS A 90 8.51 7.70 13.51
CA LYS A 90 7.87 8.09 14.77
C LYS A 90 7.24 6.90 15.49
N ASN A 91 7.01 5.83 14.76
CA ASN A 91 6.40 4.62 15.31
C ASN A 91 6.76 3.42 14.44
N LEU A 92 6.46 2.21 14.92
CA LEU A 92 6.82 1.01 14.17
C LEU A 92 6.05 0.92 12.84
N HIS A 93 4.80 1.40 12.85
CA HIS A 93 3.99 1.34 11.64
C HIS A 93 4.68 2.02 10.45
N GLU A 94 5.27 3.19 10.68
CA GLU A 94 5.93 3.93 9.61
C GLU A 94 7.13 3.15 9.06
N PHE A 95 7.85 2.51 9.96
CA PHE A 95 9.00 1.68 9.59
C PHE A 95 8.52 0.49 8.74
N GLU A 96 7.47 -0.18 9.20
CA GLU A 96 6.92 -1.32 8.48
CA GLU A 96 6.94 -1.32 8.48
C GLU A 96 6.43 -0.94 7.08
N GLU A 97 5.84 0.26 6.97
N GLU A 97 5.86 0.26 6.94
CA GLU A 97 5.37 0.75 5.68
CA GLU A 97 5.36 0.68 5.64
C GLU A 97 6.52 0.76 4.66
C GLU A 97 6.49 0.88 4.63
N ASP A 98 7.68 1.28 5.09
CA ASP A 98 8.83 1.38 4.20
C ASP A 98 9.37 -0.01 3.87
N PHE A 99 9.40 -0.90 4.86
CA PHE A 99 9.86 -2.26 4.58
C PHE A 99 8.94 -2.96 3.58
N ASP A 100 7.64 -2.80 3.76
CA ASP A 100 6.69 -3.40 2.81
C ASP A 100 6.84 -2.84 1.40
N LEU A 101 7.20 -1.57 1.27
CA LEU A 101 7.46 -0.97 -0.05
C LEU A 101 8.60 -1.69 -0.76
N ILE A 102 9.65 -2.03 0.00
CA ILE A 102 10.79 -2.72 -0.61
C ILE A 102 10.31 -4.02 -1.27
N ILE A 103 9.55 -4.79 -0.52
CA ILE A 103 9.00 -6.07 -0.95
CA ILE A 103 9.04 -6.08 -0.97
C ILE A 103 7.98 -5.92 -2.06
N ASP A 104 7.00 -5.07 -1.83
CA ASP A 104 5.89 -4.92 -2.76
C ASP A 104 6.30 -4.32 -4.11
N ASN A 105 7.22 -3.37 -4.12
CA ASN A 105 7.72 -2.78 -5.35
C ASN A 105 8.38 -3.85 -6.22
N CYS A 106 9.21 -4.66 -5.57
CA CYS A 106 9.94 -5.73 -6.25
C CYS A 106 8.99 -6.77 -6.85
N MET A 107 7.96 -7.15 -6.10
CA MET A 107 7.07 -8.19 -6.58
C MET A 107 6.14 -7.69 -7.69
N LYS A 108 6.09 -6.37 -7.87
CA LYS A 108 5.33 -5.84 -9.01
CA LYS A 108 5.37 -5.75 -8.99
C LYS A 108 6.22 -5.71 -10.25
N TYR A 109 7.40 -5.10 -10.10
CA TYR A 109 8.28 -4.85 -11.23
C TYR A 109 8.83 -6.13 -11.83
N ASN A 110 9.16 -7.09 -10.97
CA ASN A 110 9.78 -8.32 -11.42
C ASN A 110 8.80 -9.49 -11.48
N ALA A 111 8.99 -10.38 -12.45
CA ALA A 111 8.09 -11.54 -12.59
C ALA A 111 8.41 -12.66 -11.59
N ARG A 112 7.47 -13.58 -11.40
CA ARG A 112 7.63 -14.68 -10.43
C ARG A 112 8.85 -15.57 -10.66
N ASP A 113 9.29 -15.70 -11.91
CA ASP A 113 10.37 -16.61 -12.22
C ASP A 113 11.75 -15.94 -12.14
N THR A 114 11.85 -14.84 -11.39
CA THR A 114 13.13 -14.13 -11.29
C THR A 114 13.76 -14.23 -9.93
N VAL A 115 15.07 -14.10 -9.90
CA VAL A 115 15.81 -14.13 -8.64
C VAL A 115 15.40 -12.94 -7.75
N PHE A 116 14.99 -11.83 -8.36
CA PHE A 116 14.55 -10.66 -7.61
C PHE A 116 13.23 -10.91 -6.86
N TYR A 117 12.22 -11.39 -7.57
CA TYR A 117 10.93 -11.66 -6.96
C TYR A 117 11.08 -12.69 -5.84
N ARG A 118 11.86 -13.74 -6.12
CA ARG A 118 11.99 -14.82 -5.15
C ARG A 118 12.72 -14.35 -3.91
N ALA A 119 13.65 -13.41 -4.10
CA ALA A 119 14.38 -12.85 -2.95
C ALA A 119 13.42 -12.05 -2.06
N ALA A 120 12.51 -11.33 -2.70
CA ALA A 120 11.54 -10.54 -1.95
C ALA A 120 10.60 -11.44 -1.16
N VAL A 121 10.18 -12.57 -1.75
CA VAL A 121 9.31 -13.49 -1.05
C VAL A 121 9.99 -14.02 0.21
N ARG A 122 11.26 -14.40 0.08
CA ARG A 122 12.03 -14.93 1.21
C ARG A 122 12.27 -13.87 2.28
N LEU A 123 12.56 -12.64 1.85
CA LEU A 123 12.71 -11.52 2.79
C LEU A 123 11.41 -11.25 3.57
N ARG A 124 10.29 -11.26 2.86
CA ARG A 124 8.98 -11.08 3.49
CA ARG A 124 9.00 -11.05 3.53
C ARG A 124 8.71 -12.15 4.55
N ASP A 125 8.96 -13.39 4.16
CA ASP A 125 8.62 -14.52 5.03
C ASP A 125 9.49 -14.52 6.28
N GLN A 126 10.80 -14.36 6.09
CA GLN A 126 11.73 -14.38 7.21
C GLN A 126 11.64 -13.13 8.06
N GLY A 127 11.32 -12.00 7.42
CA GLY A 127 11.22 -10.74 8.12
C GLY A 127 9.99 -10.66 9.02
N GLY A 128 8.93 -11.37 8.63
CA GLY A 128 7.70 -11.38 9.39
C GLY A 128 7.93 -11.85 10.81
N VAL A 129 8.76 -12.86 10.94
CA VAL A 129 9.15 -13.40 12.24
C VAL A 129 9.76 -12.31 13.14
N VAL A 130 10.69 -11.54 12.56
CA VAL A 130 11.37 -10.47 13.26
C VAL A 130 10.39 -9.37 13.66
N LEU A 131 9.55 -8.96 12.73
CA LEU A 131 8.61 -7.86 12.96
C LEU A 131 7.53 -8.24 13.97
N ARG A 132 7.20 -9.53 14.04
CA ARG A 132 6.23 -10.01 15.02
C ARG A 132 6.69 -9.72 16.44
N GLN A 133 7.96 -10.03 16.73
CA GLN A 133 8.46 -9.83 18.08
C GLN A 133 8.80 -8.35 18.32
N ALA A 134 9.16 -7.62 17.27
CA ALA A 134 9.43 -6.19 17.40
C ALA A 134 8.19 -5.43 17.86
N ARG A 135 7.03 -5.82 17.32
CA ARG A 135 5.76 -5.20 17.72
C ARG A 135 5.49 -5.45 19.21
N ARG A 136 5.75 -6.67 19.66
CA ARG A 136 5.57 -6.97 21.07
C ARG A 136 6.48 -6.08 21.93
N GLU A 137 7.73 -5.91 21.53
CA GLU A 137 8.69 -5.12 22.30
C GLU A 137 8.34 -3.63 22.34
N VAL A 138 7.83 -3.11 21.23
CA VAL A 138 7.45 -1.70 21.17
C VAL A 138 6.27 -1.44 22.08
N ASP A 139 5.27 -2.32 22.02
CA ASP A 139 4.11 -2.24 22.91
C ASP A 139 4.49 -2.42 24.37
N SER A 140 5.26 -3.47 24.65
CA SER A 140 5.66 -3.80 26.01
C SER A 140 6.40 -2.66 26.71
N ILE A 141 7.47 -2.19 26.09
CA ILE A 141 8.30 -1.14 26.69
C ILE A 141 7.65 0.24 26.53
N GLY A 142 6.66 0.34 25.65
CA GLY A 142 5.94 1.59 25.42
C GLY A 142 6.77 2.65 24.72
N LEU A 143 7.19 2.37 23.49
CA LEU A 143 8.13 3.23 22.78
C LEU A 143 7.49 4.18 21.77
N GLU A 144 6.17 4.21 21.71
CA GLU A 144 5.48 5.06 20.75
C GLU A 144 4.16 5.60 21.30
N SER B 22 -31.87 15.05 16.84
CA SER B 22 -31.01 16.21 17.09
C SER B 22 -30.41 16.66 15.79
N MET B 23 -29.98 17.92 15.73
CA MET B 23 -29.34 18.41 14.52
C MET B 23 -27.98 17.75 14.32
N GLU B 24 -27.39 17.23 15.39
CA GLU B 24 -26.14 16.47 15.26
C GLU B 24 -26.37 15.18 14.45
N GLN B 25 -27.50 14.52 14.69
CA GLN B 25 -27.86 13.34 13.92
C GLN B 25 -28.11 13.70 12.46
N VAL B 26 -28.82 14.79 12.24
CA VAL B 26 -29.11 15.23 10.90
C VAL B 26 -27.81 15.47 10.13
N ALA B 27 -26.86 16.14 10.78
CA ALA B 27 -25.59 16.44 10.10
C ALA B 27 -24.81 15.16 9.79
N MET B 28 -24.81 14.20 10.72
CA MET B 28 -24.10 12.94 10.45
C MET B 28 -24.72 12.17 9.29
N GLU B 29 -26.05 12.09 9.26
CA GLU B 29 -26.72 11.39 8.17
C GLU B 29 -26.46 12.10 6.83
N LEU B 30 -26.41 13.43 6.84
CA LEU B 30 -26.07 14.17 5.61
C LEU B 30 -24.63 13.86 5.15
N ARG B 31 -23.69 13.79 6.11
CA ARG B 31 -22.30 13.49 5.71
C ARG B 31 -22.22 12.06 5.14
N LEU B 32 -23.00 11.14 5.72
CA LEU B 32 -23.06 9.76 5.22
C LEU B 32 -23.60 9.71 3.80
N THR B 33 -24.71 10.41 3.55
CA THR B 33 -25.34 10.31 2.24
C THR B 33 -24.52 11.05 1.17
N GLU B 34 -23.88 12.14 1.57
CA GLU B 34 -23.04 12.86 0.62
C GLU B 34 -21.75 12.12 0.29
N LEU B 35 -21.15 11.47 1.29
CA LEU B 35 -19.99 10.61 1.02
C LEU B 35 -20.36 9.51 0.05
N THR B 36 -21.53 8.91 0.28
CA THR B 36 -21.96 7.79 -0.58
C THR B 36 -22.19 8.28 -2.01
N ARG B 37 -22.79 9.47 -2.15
CA ARG B 37 -22.98 10.05 -3.47
CA ARG B 37 -22.99 10.06 -3.47
C ARG B 37 -21.66 10.25 -4.19
N LEU B 38 -20.67 10.77 -3.48
CA LEU B 38 -19.35 11.01 -4.06
C LEU B 38 -18.68 9.70 -4.48
N LEU B 39 -18.69 8.72 -3.59
CA LEU B 39 -18.02 7.46 -3.86
C LEU B 39 -18.70 6.72 -5.02
N ARG B 40 -20.02 6.83 -5.10
CA ARG B 40 -20.74 6.22 -6.21
C ARG B 40 -20.31 6.82 -7.54
N SER B 41 -20.17 8.14 -7.56
CA SER B 41 -19.68 8.82 -8.76
C SER B 41 -18.25 8.41 -9.12
N VAL B 42 -17.38 8.34 -8.11
CA VAL B 42 -16.00 7.90 -8.32
C VAL B 42 -15.97 6.48 -8.88
N LEU B 43 -16.73 5.57 -8.29
CA LEU B 43 -16.72 4.20 -8.78
C LEU B 43 -17.26 4.10 -10.23
N ASP B 44 -18.30 4.85 -10.55
N ASP B 44 -18.28 4.88 -10.53
CA ASP B 44 -18.82 4.86 -11.90
CA ASP B 44 -18.86 4.94 -11.86
C ASP B 44 -17.79 5.40 -12.89
C ASP B 44 -17.83 5.42 -12.88
N GLN B 45 -17.09 6.45 -12.51
CA GLN B 45 -16.01 7.00 -13.36
C GLN B 45 -14.91 5.98 -13.59
N LEU B 46 -14.53 5.27 -12.53
CA LEU B 46 -13.44 4.30 -12.64
C LEU B 46 -13.85 3.14 -13.56
N GLN B 47 -15.05 2.59 -13.36
CA GLN B 47 -15.52 1.49 -14.20
C GLN B 47 -15.69 1.88 -15.66
N ASP B 48 -16.07 3.13 -15.92
CA ASP B 48 -16.26 3.58 -17.30
CA ASP B 48 -16.26 3.59 -17.29
C ASP B 48 -14.94 3.55 -18.07
N LYS B 49 -13.82 3.57 -17.33
CA LYS B 49 -12.49 3.54 -17.93
C LYS B 49 -12.02 2.10 -18.23
N ASP B 50 -12.86 1.13 -17.88
CA ASP B 50 -12.50 -0.29 -18.05
C ASP B 50 -13.56 -1.04 -18.89
N PRO B 51 -13.70 -0.65 -20.17
CA PRO B 51 -14.73 -1.30 -21.01
C PRO B 51 -14.42 -2.76 -21.31
N ALA B 52 -13.16 -3.19 -21.17
CA ALA B 52 -12.83 -4.60 -21.38
C ALA B 52 -13.23 -5.43 -20.17
N ARG B 53 -13.67 -4.76 -19.11
CA ARG B 53 -14.13 -5.42 -17.89
CA ARG B 53 -14.14 -5.42 -17.89
C ARG B 53 -13.06 -6.29 -17.23
N ILE B 54 -11.80 -5.87 -17.36
CA ILE B 54 -10.69 -6.57 -16.74
C ILE B 54 -10.81 -6.61 -15.20
N PHE B 55 -11.32 -5.53 -14.63
CA PHE B 55 -11.39 -5.38 -13.18
C PHE B 55 -12.82 -5.43 -12.65
N ALA B 56 -13.75 -5.83 -13.50
CA ALA B 56 -15.18 -5.72 -13.15
C ALA B 56 -15.68 -6.74 -12.14
N GLN B 57 -15.08 -7.94 -12.15
CA GLN B 57 -15.55 -9.07 -11.36
C GLN B 57 -14.37 -9.79 -10.73
N PRO B 58 -14.63 -10.57 -9.66
CA PRO B 58 -13.54 -11.39 -9.11
C PRO B 58 -12.90 -12.29 -10.15
N VAL B 59 -11.58 -12.43 -10.05
CA VAL B 59 -10.86 -13.36 -10.90
C VAL B 59 -11.43 -14.76 -10.69
N SER B 60 -11.64 -15.48 -11.78
CA SER B 60 -12.18 -16.83 -11.73
C SER B 60 -11.08 -17.84 -11.45
N LEU B 61 -11.22 -18.58 -10.34
CA LEU B 61 -10.28 -19.63 -10.00
C LEU B 61 -10.34 -20.78 -10.99
N LYS B 62 -11.47 -20.95 -11.67
CA LYS B 62 -11.56 -21.93 -12.74
C LYS B 62 -10.61 -21.56 -13.88
N GLU B 63 -10.64 -20.29 -14.29
CA GLU B 63 -9.78 -19.81 -15.36
C GLU B 63 -8.35 -19.57 -14.91
N VAL B 64 -8.18 -19.23 -13.63
CA VAL B 64 -6.85 -18.91 -13.08
C VAL B 64 -6.60 -19.67 -11.78
N PRO B 65 -6.31 -20.98 -11.89
CA PRO B 65 -6.23 -21.87 -10.72
C PRO B 65 -5.18 -21.47 -9.68
N ASP B 66 -4.09 -20.80 -10.09
CA ASP B 66 -3.04 -20.46 -9.14
C ASP B 66 -3.18 -19.05 -8.55
N TYR B 67 -4.32 -18.40 -8.77
CA TYR B 67 -4.42 -16.98 -8.39
C TYR B 67 -4.18 -16.79 -6.89
N LEU B 68 -4.77 -17.65 -6.07
CA LEU B 68 -4.67 -17.48 -4.61
C LEU B 68 -3.34 -17.98 -4.04
N ASP B 69 -2.54 -18.66 -4.86
CA ASP B 69 -1.17 -19.00 -4.46
C ASP B 69 -0.40 -17.70 -4.22
N HIS B 70 -0.77 -16.66 -4.96
CA HIS B 70 0.01 -15.43 -5.00
C HIS B 70 -0.70 -14.21 -4.45
N ILE B 71 -2.02 -14.15 -4.62
CA ILE B 71 -2.77 -12.97 -4.21
C ILE B 71 -3.56 -13.28 -2.94
N LYS B 72 -3.21 -12.59 -1.87
CA LYS B 72 -3.78 -12.85 -0.55
C LYS B 72 -5.16 -12.21 -0.36
N HIS B 73 -5.37 -11.03 -0.96
CA HIS B 73 -6.69 -10.38 -0.85
C HIS B 73 -7.23 -9.88 -2.19
N PRO B 74 -7.95 -10.75 -2.91
CA PRO B 74 -8.55 -10.35 -4.19
C PRO B 74 -9.49 -9.15 -4.05
N MET B 75 -9.55 -8.31 -5.07
CA MET B 75 -10.52 -7.22 -5.10
C MET B 75 -10.91 -6.91 -6.55
N ASP B 76 -12.10 -6.32 -6.72
CA ASP B 76 -12.66 -6.02 -8.02
C ASP B 76 -13.78 -5.00 -7.86
N PHE B 77 -14.23 -4.42 -8.96
CA PHE B 77 -15.20 -3.32 -8.89
C PHE B 77 -16.57 -3.75 -8.38
N ALA B 78 -17.00 -4.97 -8.72
CA ALA B 78 -18.30 -5.46 -8.25
C ALA B 78 -18.31 -5.61 -6.73
N THR B 79 -17.19 -6.09 -6.19
CA THR B 79 -17.06 -6.29 -4.76
C THR B 79 -17.02 -4.91 -4.08
N MET B 80 -16.37 -3.94 -4.70
CA MET B 80 -16.36 -2.59 -4.15
C MET B 80 -17.78 -1.99 -4.17
N ARG B 81 -18.53 -2.22 -5.23
CA ARG B 81 -19.88 -1.67 -5.33
C ARG B 81 -20.80 -2.26 -4.25
N LYS B 82 -20.65 -3.55 -4.01
CA LYS B 82 -21.39 -4.24 -2.95
C LYS B 82 -21.09 -3.59 -1.60
N ARG B 83 -19.82 -3.40 -1.32
CA ARG B 83 -19.40 -2.77 -0.05
C ARG B 83 -19.93 -1.36 0.05
N LEU B 84 -19.84 -0.61 -1.04
CA LEU B 84 -20.35 0.77 -1.06
C LEU B 84 -21.84 0.85 -0.75
N GLU B 85 -22.65 0.07 -1.46
CA GLU B 85 -24.09 0.22 -1.33
C GLU B 85 -24.61 -0.39 -0.04
N ALA B 86 -23.76 -1.18 0.63
CA ALA B 86 -24.09 -1.75 1.94
C ALA B 86 -23.67 -0.86 3.10
N GLN B 87 -23.22 0.36 2.80
CA GLN B 87 -22.73 1.31 3.79
C GLN B 87 -21.44 0.84 4.47
N GLY B 88 -20.59 0.13 3.73
CA GLY B 88 -19.35 -0.41 4.27
C GLY B 88 -18.10 0.45 4.13
N TYR B 89 -18.23 1.61 3.50
CA TYR B 89 -17.10 2.56 3.44
C TYR B 89 -17.39 3.72 4.38
N LYS B 90 -16.58 3.83 5.43
CA LYS B 90 -16.73 4.89 6.44
C LYS B 90 -16.14 6.23 6.00
N ASN B 91 -15.16 6.17 5.11
CA ASN B 91 -14.48 7.35 4.61
C ASN B 91 -13.82 7.07 3.26
N LEU B 92 -13.30 8.11 2.63
CA LEU B 92 -12.68 7.98 1.31
C LEU B 92 -11.45 7.07 1.35
N HIS B 93 -10.68 7.14 2.43
CA HIS B 93 -9.46 6.34 2.49
C HIS B 93 -9.75 4.83 2.37
N GLU B 94 -10.80 4.36 3.05
CA GLU B 94 -11.18 2.94 2.95
C GLU B 94 -11.48 2.52 1.51
N PHE B 95 -12.14 3.41 0.76
CA PHE B 95 -12.43 3.19 -0.65
C PHE B 95 -11.13 3.14 -1.46
N GLU B 96 -10.27 4.12 -1.21
CA GLU B 96 -8.94 4.19 -1.84
CA GLU B 96 -8.95 4.19 -1.84
C GLU B 96 -8.14 2.91 -1.62
N GLU B 97 -8.17 2.39 -0.40
CA GLU B 97 -7.44 1.16 -0.11
C GLU B 97 -7.92 -0.03 -0.95
N ASP B 98 -9.23 -0.14 -1.17
CA ASP B 98 -9.73 -1.23 -2.02
C ASP B 98 -9.34 -1.00 -3.49
N PHE B 99 -9.39 0.23 -3.96
CA PHE B 99 -8.94 0.52 -5.34
C PHE B 99 -7.47 0.14 -5.51
N ASP B 100 -6.65 0.52 -4.53
CA ASP B 100 -5.23 0.17 -4.59
C ASP B 100 -5.03 -1.36 -4.62
N LEU B 101 -5.89 -2.11 -3.95
CA LEU B 101 -5.80 -3.58 -4.00
C LEU B 101 -5.98 -4.08 -5.43
N ILE B 102 -7.00 -3.56 -6.10
CA ILE B 102 -7.24 -3.94 -7.50
C ILE B 102 -6.00 -3.75 -8.34
N ILE B 103 -5.40 -2.58 -8.22
CA ILE B 103 -4.23 -2.21 -9.01
C ILE B 103 -3.01 -3.03 -8.62
N ASP B 104 -2.76 -3.11 -7.32
CA ASP B 104 -1.57 -3.78 -6.82
C ASP B 104 -1.62 -5.28 -7.10
N ASN B 105 -2.80 -5.90 -6.94
CA ASN B 105 -2.92 -7.33 -7.20
C ASN B 105 -2.62 -7.64 -8.66
N CYS B 106 -3.08 -6.76 -9.54
CA CYS B 106 -2.90 -6.96 -10.97
C CYS B 106 -1.43 -6.78 -11.37
N MET B 107 -0.77 -5.77 -10.80
CA MET B 107 0.63 -5.54 -11.11
C MET B 107 1.53 -6.62 -10.51
N LYS B 108 1.08 -7.22 -9.40
CA LYS B 108 1.83 -8.32 -8.78
CA LYS B 108 1.82 -8.32 -8.79
C LYS B 108 1.66 -9.63 -9.55
N TYR B 109 0.42 -9.93 -9.93
CA TYR B 109 0.16 -11.21 -10.60
C TYR B 109 0.67 -11.25 -12.03
N ASN B 110 0.55 -10.12 -12.74
CA ASN B 110 0.95 -10.09 -14.15
C ASN B 110 2.36 -9.56 -14.37
N ALA B 111 3.05 -10.12 -15.37
CA ALA B 111 4.37 -9.62 -15.73
C ALA B 111 4.26 -8.21 -16.30
N ARG B 112 5.30 -7.39 -16.14
CA ARG B 112 5.19 -5.98 -16.50
C ARG B 112 4.99 -5.75 -18.01
N ASP B 113 5.54 -6.63 -18.83
CA ASP B 113 5.36 -6.49 -20.28
C ASP B 113 4.15 -7.31 -20.74
N THR B 114 2.97 -6.95 -20.23
CA THR B 114 1.71 -7.60 -20.58
C THR B 114 0.59 -6.57 -20.69
N VAL B 115 -0.47 -6.91 -21.42
CA VAL B 115 -1.62 -6.03 -21.59
C VAL B 115 -2.34 -5.77 -20.27
N PHE B 116 -2.55 -6.82 -19.46
CA PHE B 116 -3.23 -6.59 -18.18
C PHE B 116 -2.41 -5.73 -17.21
N TYR B 117 -1.10 -5.93 -17.14
CA TYR B 117 -0.28 -5.09 -16.27
C TYR B 117 -0.37 -3.63 -16.73
N ARG B 118 -0.28 -3.41 -18.04
CA ARG B 118 -0.39 -2.03 -18.52
C ARG B 118 -1.78 -1.44 -18.29
N ALA B 119 -2.81 -2.29 -18.26
CA ALA B 119 -4.15 -1.77 -17.98
C ALA B 119 -4.22 -1.25 -16.53
N ALA B 120 -3.56 -1.96 -15.62
CA ALA B 120 -3.52 -1.53 -14.22
C ALA B 120 -2.74 -0.22 -14.06
N VAL B 121 -1.64 -0.10 -14.80
CA VAL B 121 -0.86 1.13 -14.78
C VAL B 121 -1.70 2.30 -15.32
N ARG B 122 -2.47 2.04 -16.38
CA ARG B 122 -3.37 3.04 -16.96
C ARG B 122 -4.45 3.47 -15.96
N LEU B 123 -5.13 2.49 -15.36
CA LEU B 123 -6.19 2.78 -14.40
C LEU B 123 -5.64 3.44 -13.14
N ARG B 124 -4.40 3.09 -12.76
CA ARG B 124 -3.77 3.73 -11.60
C ARG B 124 -3.59 5.23 -11.86
N ASP B 125 -3.10 5.57 -13.04
CA ASP B 125 -2.87 6.97 -13.43
C ASP B 125 -4.18 7.74 -13.41
N GLN B 126 -5.17 7.20 -14.13
CA GLN B 126 -6.45 7.88 -14.26
C GLN B 126 -7.16 7.91 -12.92
N GLY B 127 -7.10 6.81 -12.17
CA GLY B 127 -7.80 6.70 -10.92
C GLY B 127 -7.22 7.59 -9.85
N GLY B 128 -5.90 7.76 -9.91
CA GLY B 128 -5.21 8.67 -9.01
C GLY B 128 -5.74 10.09 -9.11
N VAL B 129 -5.96 10.53 -10.34
CA VAL B 129 -6.46 11.88 -10.56
C VAL B 129 -7.90 11.98 -10.05
N VAL B 130 -8.73 10.98 -10.33
CA VAL B 130 -10.11 10.99 -9.87
C VAL B 130 -10.16 11.02 -8.33
N LEU B 131 -9.33 10.22 -7.69
CA LEU B 131 -9.33 10.14 -6.22
C LEU B 131 -8.77 11.40 -5.57
N ARG B 132 -7.79 12.06 -6.19
CA ARG B 132 -7.30 13.32 -5.64
C ARG B 132 -8.38 14.40 -5.74
N GLN B 133 -9.16 14.39 -6.80
CA GLN B 133 -10.29 15.30 -6.95
C GLN B 133 -11.35 14.96 -5.91
N ALA B 134 -11.59 13.67 -5.68
CA ALA B 134 -12.54 13.27 -4.65
C ALA B 134 -12.11 13.79 -3.27
N ARG B 135 -10.81 13.80 -3.00
CA ARG B 135 -10.30 14.32 -1.74
C ARG B 135 -10.57 15.83 -1.61
N ARG B 136 -10.39 16.56 -2.69
CA ARG B 136 -10.75 17.99 -2.71
C ARG B 136 -12.23 18.19 -2.42
N GLU B 137 -13.07 17.30 -2.95
CA GLU B 137 -14.51 17.38 -2.69
C GLU B 137 -14.86 17.03 -1.24
N VAL B 138 -14.18 16.04 -0.67
CA VAL B 138 -14.38 15.72 0.74
C VAL B 138 -14.12 16.95 1.60
N ASP B 139 -13.05 17.67 1.26
CA ASP B 139 -12.69 18.85 2.04
C ASP B 139 -13.67 19.99 1.83
N SER B 140 -14.11 20.15 0.58
CA SER B 140 -15.01 21.26 0.24
C SER B 140 -16.40 21.03 0.82
N ILE B 141 -16.87 19.80 0.78
CA ILE B 141 -18.22 19.49 1.26
C ILE B 141 -18.26 19.37 2.78
N GLY B 142 -17.10 19.06 3.38
CA GLY B 142 -16.96 18.93 4.81
C GLY B 142 -17.32 17.55 5.33
N LEU B 143 -16.88 16.52 4.62
CA LEU B 143 -17.33 15.16 4.89
C LEU B 143 -16.58 14.47 6.02
N GLU B 144 -15.42 15.01 6.41
CA GLU B 144 -14.70 14.45 7.55
C GLU B 144 -14.64 15.42 8.74
C1 EDO C . 14.71 -3.88 -10.58
O1 EDO C . 14.01 -4.60 -9.55
C2 EDO C . 15.59 -4.84 -11.35
O2 EDO C . 14.79 -5.61 -12.24
C1 EDO D . 14.69 -5.55 -6.40
C1 EDO D . 15.18 -5.58 -6.74
O1 EDO D . 15.00 -5.66 -7.79
O1 EDO D . 16.18 -5.14 -7.66
C2 EDO D . 14.84 -4.10 -5.95
C2 EDO D . 14.70 -4.39 -5.92
O2 EDO D . 16.21 -3.71 -6.12
O2 EDO D . 13.26 -4.34 -5.98
NA NA E . 4.40 -7.85 -12.19
C1 EDO F . -5.33 -9.68 -13.54
O1 EDO F . -5.02 -11.06 -13.39
C2 EDO F . -6.81 -9.50 -13.88
O2 EDO F . -7.31 -8.45 -13.05
C1 EDO G . -8.09 9.64 -1.72
O1 EDO G . -7.86 9.07 -0.41
C2 EDO G . -6.91 10.50 -2.15
O2 EDO G . -6.60 11.46 -1.13
N1 8TA H . -20.03 9.02 9.00
N3 8TA H . -19.86 4.81 10.11
C4 8TA H . -19.97 7.93 8.22
C5 8TA H . -19.89 8.08 6.84
C6 8TA H . -20.00 6.58 8.79
C7 8TA H . -20.40 5.49 8.09
C8 8TA H . -19.66 6.13 10.10
C10 8TA H . -18.29 8.42 12.51
C1 8TA H . -19.87 9.35 6.30
C2 8TA H . -19.94 10.45 7.11
C3 8TA H . -20.03 10.27 8.48
N2 8TA H . -20.32 4.42 8.90
N4 8TA H . -19.17 6.84 11.20
C9 8TA H . -18.69 8.13 11.24
C11 8TA H . -18.51 7.28 13.29
C12 8TA H . -19.03 6.32 12.47
#